data_3PWD
#
_entry.id   3PWD
#
_cell.length_a   142.410
_cell.length_b   60.960
_cell.length_c   45.660
_cell.angle_alpha   90.000
_cell.angle_beta   100.190
_cell.angle_gamma   90.000
#
_symmetry.space_group_name_H-M   'C 1 2 1'
#
loop_
_entity.id
_entity.type
_entity.pdbx_description
1 polymer 'Casein kinase II subunit alpha'
2 non-polymer 8-hydroxy-4-methyl-9-nitro-2H-benzo[g]chromen-2-one
3 water water
#
_entity_poly.entity_id   1
_entity_poly.type   'polypeptide(L)'
_entity_poly.pdbx_seq_one_letter_code
;MSKARVYADVNVLRPKEYWDYEALTVQWGEQDDYEVVRKVGRGKYSEVFEGINVNNNEKCIIKILKPVKKKKIKREIKIL
QNLCGGPNIVKLLDIVRDQHSKTPSLIFEYVNNTDFKVLYPTLTDYDIRYYIYELLKALDYCHSQGIMHRDVKPHNVMID
HELRKLRLIDWGLAEFYHPGKEYNVRVASRYFKGPELLVDLQDYDYSLDMWSLGCMFAGMIFRKEPFFYGHDNHDQLVKI
AKVLGTDGLNVYLNKYRIELDPQLEALVGRHSRKPWLKFMNADNQHLVSPEAIDFLDKLLRYDHQERLTALEAMTHPYFQ
QVRAAENSRTRA
;
_entity_poly.pdbx_strand_id   A
#
loop_
_chem_comp.id
_chem_comp.type
_chem_comp.name
_chem_comp.formula
CZ0 non-polymer 8-hydroxy-4-methyl-9-nitro-2H-benzo[g]chromen-2-one 'C14 H9 N O5'
#
# COMPACT_ATOMS: atom_id res chain seq x y z
N SER A 2 16.86 6.86 13.10
CA SER A 2 16.31 7.29 11.82
C SER A 2 14.93 7.92 12.00
N LYS A 3 14.67 9.02 11.30
CA LYS A 3 13.36 9.67 11.37
C LYS A 3 12.90 10.23 10.03
N ALA A 4 11.58 10.30 9.83
CA ALA A 4 11.03 10.79 8.59
C ALA A 4 11.62 12.17 8.24
N ARG A 5 11.85 12.41 6.95
CA ARG A 5 12.39 13.70 6.51
C ARG A 5 11.28 14.74 6.33
N VAL A 6 10.04 14.28 6.32
CA VAL A 6 8.88 15.15 6.17
C VAL A 6 7.72 14.61 7.03
N TYR A 7 6.84 15.52 7.46
CA TYR A 7 5.68 15.19 8.27
C TYR A 7 6.07 14.52 9.57
N ALA A 8 7.28 14.78 10.04
CA ALA A 8 7.79 14.12 11.23
C ALA A 8 7.01 14.53 12.48
N ASP A 9 6.50 15.75 12.52
CA ASP A 9 5.82 16.29 13.70
C ASP A 9 4.28 16.37 13.64
N VAL A 10 3.66 15.69 12.70
CA VAL A 10 2.21 15.81 12.52
C VAL A 10 1.45 15.39 13.76
N ASN A 11 1.71 14.16 14.20
CA ASN A 11 1.04 13.63 15.37
C ASN A 11 1.49 14.34 16.64
N VAL A 12 2.73 14.83 16.63
CA VAL A 12 3.29 15.63 17.71
C VAL A 12 2.46 16.89 17.99
N LEU A 13 2.02 17.55 16.93
CA LEU A 13 1.26 18.79 17.06
C LEU A 13 -0.25 18.58 17.22
N ARG A 14 -0.73 17.36 17.03
CA ARG A 14 -2.16 17.09 17.15
C ARG A 14 -2.58 16.48 18.49
N PRO A 15 -3.81 16.81 18.93
CA PRO A 15 -4.45 16.26 20.13
C PRO A 15 -4.26 14.74 20.21
N LYS A 16 -4.16 14.23 21.42
CA LYS A 16 -3.93 12.80 21.64
C LYS A 16 -5.11 12.02 21.06
N GLU A 17 -6.31 12.55 21.23
CA GLU A 17 -7.52 11.91 20.74
C GLU A 17 -7.36 11.48 19.28
N TYR A 18 -6.66 12.30 18.49
CA TYR A 18 -6.52 12.04 17.07
C TYR A 18 -5.76 10.75 16.77
N TRP A 19 -4.66 10.50 17.48
CA TRP A 19 -3.86 9.32 17.17
C TRP A 19 -4.05 8.14 18.11
N ASP A 20 -4.71 8.39 19.24
CA ASP A 20 -4.90 7.37 20.27
C ASP A 20 -6.16 6.51 20.03
N TYR A 21 -6.02 5.42 19.29
CA TYR A 21 -7.17 4.63 18.83
C TYR A 21 -7.72 3.59 19.81
N GLU A 22 -6.91 3.20 20.79
CA GLU A 22 -7.35 2.22 21.79
C GLU A 22 -8.45 2.80 22.69
N ALA A 23 -8.39 4.10 22.93
CA ALA A 23 -9.40 4.78 23.75
C ALA A 23 -10.70 5.05 22.98
N LEU A 24 -10.81 4.48 21.79
CA LEU A 24 -11.98 4.63 20.94
C LEU A 24 -13.16 3.76 21.43
N THR A 25 -14.37 4.30 21.34
CA THR A 25 -15.56 3.56 21.72
C THR A 25 -16.56 3.58 20.58
N VAL A 26 -16.79 2.42 19.98
CA VAL A 26 -17.52 2.33 18.72
C VAL A 26 -19.03 2.60 18.88
N GLN A 27 -19.57 3.37 17.96
CA GLN A 27 -21.00 3.65 17.91
C GLN A 27 -21.64 2.79 16.83
N TRP A 28 -22.32 1.73 17.23
CA TRP A 28 -22.85 0.77 16.27
C TRP A 28 -24.15 1.24 15.62
N GLY A 29 -24.54 0.57 14.53
CA GLY A 29 -25.75 0.93 13.82
C GLY A 29 -26.71 -0.24 13.67
N GLU A 30 -27.72 -0.08 12.81
CA GLU A 30 -28.70 -1.12 12.54
C GLU A 30 -28.20 -2.21 11.59
N GLN A 31 -27.99 -3.43 12.08
CA GLN A 31 -27.53 -4.50 11.19
C GLN A 31 -28.53 -4.78 10.08
N ASP A 32 -29.81 -4.68 10.40
CA ASP A 32 -30.86 -5.05 9.46
C ASP A 32 -31.12 -3.99 8.39
N ASP A 33 -30.41 -2.87 8.46
CA ASP A 33 -30.44 -1.90 7.38
C ASP A 33 -29.82 -2.51 6.12
N TYR A 34 -29.04 -3.59 6.31
CA TYR A 34 -28.14 -4.05 5.27
C TYR A 34 -28.33 -5.52 4.93
N GLU A 35 -28.32 -5.82 3.64
CA GLU A 35 -28.56 -7.17 3.15
C GLU A 35 -27.50 -7.59 2.16
N VAL A 36 -27.03 -8.83 2.28
CA VAL A 36 -26.03 -9.38 1.38
C VAL A 36 -26.65 -9.87 0.07
N VAL A 37 -25.99 -9.57 -1.05
CA VAL A 37 -26.48 -10.04 -2.34
C VAL A 37 -25.56 -11.07 -3.03
N ARG A 38 -24.24 -10.93 -2.84
CA ARG A 38 -23.28 -11.87 -3.42
C ARG A 38 -21.84 -11.60 -2.99
N LYS A 39 -21.08 -12.66 -2.81
CA LYS A 39 -19.69 -12.53 -2.39
C LYS A 39 -18.82 -12.06 -3.54
N VAL A 40 -17.85 -11.20 -3.22
CA VAL A 40 -16.97 -10.62 -4.22
C VAL A 40 -15.50 -10.75 -3.82
N GLY A 41 -15.23 -11.25 -2.63
CA GLY A 41 -13.87 -11.30 -2.15
C GLY A 41 -13.72 -12.16 -0.91
N ARG A 42 -12.47 -12.52 -0.61
CA ARG A 42 -12.12 -13.40 0.51
C ARG A 42 -10.70 -13.13 0.93
N GLY A 43 -10.45 -13.16 2.23
CA GLY A 43 -9.11 -12.96 2.74
C GLY A 43 -8.96 -13.74 4.01
N LYS A 44 -7.73 -13.76 4.55
CA LYS A 44 -7.51 -14.39 5.84
C LYS A 44 -8.15 -13.60 6.97
N TYR A 45 -8.39 -12.29 6.77
CA TYR A 45 -8.99 -11.49 7.85
C TYR A 45 -10.46 -11.15 7.63
N SER A 46 -10.98 -11.39 6.43
CA SER A 46 -12.35 -11.00 6.17
C SER A 46 -12.94 -11.63 4.93
N GLU A 47 -14.25 -11.46 4.78
CA GLU A 47 -15.01 -11.86 3.61
C GLU A 47 -15.77 -10.63 3.15
N VAL A 48 -15.89 -10.46 1.83
CA VAL A 48 -16.43 -9.23 1.28
C VAL A 48 -17.61 -9.53 0.35
N PHE A 49 -18.62 -8.67 0.40
CA PHE A 49 -19.91 -8.94 -0.25
C PHE A 49 -20.49 -7.68 -0.88
N GLU A 50 -21.19 -7.86 -1.99
CA GLU A 50 -22.03 -6.82 -2.56
C GLU A 50 -23.35 -6.85 -1.78
N GLY A 51 -23.79 -5.71 -1.29
CA GLY A 51 -24.97 -5.67 -0.44
C GLY A 51 -25.99 -4.64 -0.85
N ILE A 52 -27.07 -4.54 -0.08
CA ILE A 52 -28.05 -3.51 -0.35
C ILE A 52 -28.41 -2.77 0.93
N ASN A 53 -28.53 -1.45 0.84
CA ASN A 53 -29.11 -0.66 1.91
C ASN A 53 -30.62 -0.64 1.72
N VAL A 54 -31.35 -1.22 2.68
CA VAL A 54 -32.81 -1.35 2.61
C VAL A 54 -33.56 -0.04 2.81
N ASN A 55 -33.06 0.82 3.70
CA ASN A 55 -33.58 2.18 3.81
C ASN A 55 -33.71 2.91 2.45
N ASN A 56 -32.59 3.17 1.80
CA ASN A 56 -32.60 3.96 0.57
C ASN A 56 -32.36 3.14 -0.70
N ASN A 57 -32.50 1.83 -0.62
CA ASN A 57 -32.28 0.94 -1.76
C ASN A 57 -30.98 1.20 -2.51
N GLU A 58 -29.91 1.44 -1.76
CA GLU A 58 -28.63 1.82 -2.34
C GLU A 58 -27.62 0.70 -2.22
N LYS A 59 -26.88 0.44 -3.31
CA LYS A 59 -25.78 -0.54 -3.26
C LYS A 59 -24.70 -0.14 -2.25
N CYS A 60 -24.04 -1.14 -1.67
CA CYS A 60 -22.97 -0.91 -0.70
C CYS A 60 -21.98 -2.07 -0.67
N ILE A 61 -20.92 -1.90 0.13
CA ILE A 61 -19.93 -2.93 0.31
C ILE A 61 -20.02 -3.45 1.74
N ILE A 62 -20.24 -4.75 1.89
CA ILE A 62 -20.30 -5.37 3.20
C ILE A 62 -19.10 -6.24 3.44
N LYS A 63 -18.23 -5.81 4.34
CA LYS A 63 -17.02 -6.55 4.71
C LYS A 63 -17.23 -7.22 6.07
N ILE A 64 -17.29 -8.55 6.08
CA ILE A 64 -17.53 -9.29 7.31
C ILE A 64 -16.19 -9.77 7.83
N LEU A 65 -15.82 -9.33 9.04
CA LEU A 65 -14.47 -9.60 9.58
C LEU A 65 -14.36 -10.96 10.25
N LYS A 66 -13.23 -11.62 10.10
CA LYS A 66 -12.99 -12.90 10.75
C LYS A 66 -12.56 -12.64 12.19
N PRO A 67 -12.81 -13.60 13.09
CA PRO A 67 -12.46 -13.40 14.50
C PRO A 67 -11.03 -12.90 14.69
N VAL A 68 -10.87 -11.75 15.36
CA VAL A 68 -9.56 -11.13 15.55
C VAL A 68 -9.53 -10.20 16.77
N LYS A 69 -8.32 -9.85 17.23
CA LYS A 69 -8.16 -8.99 18.41
C LYS A 69 -8.80 -7.61 18.23
N LYS A 70 -9.43 -7.17 19.30
CA LYS A 70 -10.18 -5.91 19.35
C LYS A 70 -9.34 -4.68 18.98
N LYS A 71 -8.07 -4.69 19.35
CA LYS A 71 -7.22 -3.53 19.11
C LYS A 71 -7.02 -3.27 17.61
N LYS A 72 -6.84 -4.35 16.87
CA LYS A 72 -6.63 -4.28 15.43
C LYS A 72 -7.88 -3.70 14.74
N ILE A 73 -9.04 -4.12 15.21
CA ILE A 73 -10.30 -3.65 14.66
C ILE A 73 -10.62 -2.18 15.01
N LYS A 74 -10.20 -1.71 16.20
CA LYS A 74 -10.38 -0.29 16.53
C LYS A 74 -9.39 0.58 15.75
N ARG A 75 -8.20 0.05 15.51
CA ARG A 75 -7.17 0.80 14.83
C ARG A 75 -7.65 1.13 13.43
N GLU A 76 -8.13 0.11 12.72
CA GLU A 76 -8.59 0.28 11.35
C GLU A 76 -9.75 1.27 11.31
N ILE A 77 -10.63 1.20 12.30
CA ILE A 77 -11.78 2.10 12.36
C ILE A 77 -11.37 3.57 12.58
N LYS A 78 -10.48 3.79 13.54
CA LYS A 78 -9.99 5.14 13.84
C LYS A 78 -9.30 5.76 12.62
N ILE A 79 -8.54 4.95 11.90
CA ILE A 79 -7.84 5.42 10.72
C ILE A 79 -8.80 5.78 9.60
N LEU A 80 -9.78 4.91 9.36
CA LEU A 80 -10.79 5.18 8.34
C LEU A 80 -11.50 6.50 8.64
N GLN A 81 -11.81 6.75 9.91
CA GLN A 81 -12.47 7.99 10.29
C GLN A 81 -11.64 9.25 10.04
N ASN A 82 -10.36 9.18 10.36
CA ASN A 82 -9.47 10.32 10.20
C ASN A 82 -9.22 10.62 8.73
N LEU A 83 -9.27 9.58 7.91
CA LEU A 83 -9.03 9.73 6.48
C LEU A 83 -10.30 10.04 5.67
N CYS A 84 -11.49 9.77 6.23
CA CYS A 84 -12.74 9.99 5.49
C CYS A 84 -12.75 11.33 4.74
N GLY A 85 -12.95 11.28 3.43
CA GLY A 85 -13.07 12.48 2.62
C GLY A 85 -11.86 12.79 1.77
N GLY A 86 -10.70 12.24 2.15
CA GLY A 86 -9.46 12.51 1.44
C GLY A 86 -9.44 11.93 0.04
N PRO A 87 -8.55 12.44 -0.82
CA PRO A 87 -8.55 12.02 -2.23
C PRO A 87 -8.32 10.51 -2.40
N ASN A 88 -9.28 9.82 -3.02
CA ASN A 88 -9.08 8.44 -3.46
C ASN A 88 -9.04 7.40 -2.38
N ILE A 89 -9.52 7.78 -1.20
CA ILE A 89 -9.60 6.84 -0.11
C ILE A 89 -11.04 6.31 0.06
N VAL A 90 -11.16 4.99 0.25
CA VAL A 90 -12.42 4.32 0.50
C VAL A 90 -13.18 4.99 1.66
N LYS A 91 -14.51 5.02 1.59
CA LYS A 91 -15.30 5.69 2.63
C LYS A 91 -16.10 4.75 3.53
N LEU A 92 -15.77 4.79 4.82
CA LEU A 92 -16.53 4.06 5.83
C LEU A 92 -17.87 4.76 6.07
N LEU A 93 -18.98 4.05 5.88
CA LEU A 93 -20.32 4.63 6.00
C LEU A 93 -21.04 4.32 7.31
N ASP A 94 -20.86 3.11 7.82
CA ASP A 94 -21.56 2.64 9.01
C ASP A 94 -20.80 1.45 9.56
N ILE A 95 -21.07 1.07 10.80
CA ILE A 95 -20.45 -0.08 11.43
C ILE A 95 -21.50 -0.87 12.18
N VAL A 96 -21.63 -2.16 11.89
CA VAL A 96 -22.64 -2.99 12.54
C VAL A 96 -22.11 -4.37 12.98
N ARG A 97 -22.91 -5.11 13.73
CA ARG A 97 -22.49 -6.44 14.16
C ARG A 97 -23.65 -7.37 14.50
N ASP A 98 -23.38 -8.67 14.38
CA ASP A 98 -24.33 -9.71 14.69
C ASP A 98 -24.65 -9.73 16.18
N GLN A 99 -25.93 -9.68 16.54
CA GLN A 99 -26.31 -9.76 17.95
C GLN A 99 -25.83 -11.05 18.61
N HIS A 100 -26.21 -12.18 18.03
CA HIS A 100 -25.88 -13.48 18.63
C HIS A 100 -24.39 -13.78 18.72
N SER A 101 -23.66 -13.65 17.62
CA SER A 101 -22.23 -13.98 17.64
C SER A 101 -21.35 -12.73 17.66
N LYS A 102 -21.95 -11.57 17.45
CA LYS A 102 -21.24 -10.30 17.54
C LYS A 102 -20.05 -10.17 16.60
N THR A 103 -20.12 -10.81 15.43
CA THR A 103 -19.12 -10.57 14.41
C THR A 103 -19.45 -9.22 13.77
N PRO A 104 -18.45 -8.32 13.68
CA PRO A 104 -18.73 -7.01 13.08
C PRO A 104 -18.62 -6.97 11.56
N SER A 105 -19.20 -5.91 11.00
CA SER A 105 -19.18 -5.71 9.57
C SER A 105 -19.03 -4.22 9.34
N LEU A 106 -18.11 -3.89 8.45
CA LEU A 106 -17.88 -2.53 8.03
C LEU A 106 -18.63 -2.28 6.74
N ILE A 107 -19.44 -1.23 6.71
CA ILE A 107 -20.21 -0.92 5.52
C ILE A 107 -19.54 0.25 4.83
N PHE A 108 -19.24 0.11 3.55
CA PHE A 108 -18.57 1.18 2.82
C PHE A 108 -19.40 1.72 1.66
N GLU A 109 -18.98 2.88 1.17
CA GLU A 109 -19.45 3.36 -0.13
C GLU A 109 -19.21 2.22 -1.10
N TYR A 110 -20.13 2.00 -2.01
CA TYR A 110 -19.94 0.97 -3.02
C TYR A 110 -18.80 1.27 -3.97
N VAL A 111 -18.04 0.22 -4.32
CA VAL A 111 -16.88 0.34 -5.18
C VAL A 111 -16.92 -0.76 -6.24
N ASN A 112 -16.76 -0.40 -7.50
CA ASN A 112 -16.68 -1.43 -8.52
C ASN A 112 -15.22 -1.80 -8.82
N ASN A 113 -14.98 -3.09 -9.09
CA ASN A 113 -13.63 -3.52 -9.45
C ASN A 113 -13.58 -4.68 -10.44
N THR A 114 -12.52 -4.71 -11.24
CA THR A 114 -12.20 -5.84 -12.12
C THR A 114 -10.89 -6.47 -11.69
N ASP A 115 -10.85 -7.80 -11.53
CA ASP A 115 -9.62 -8.44 -11.08
C ASP A 115 -8.40 -8.02 -11.89
N PHE A 116 -7.33 -7.65 -11.19
CA PHE A 116 -6.16 -7.05 -11.81
C PHE A 116 -5.47 -7.99 -12.80
N LYS A 117 -5.58 -9.29 -12.55
CA LYS A 117 -5.00 -10.31 -13.43
C LYS A 117 -5.65 -10.25 -14.80
N VAL A 118 -6.87 -9.75 -14.84
CA VAL A 118 -7.62 -9.61 -16.07
C VAL A 118 -7.54 -8.15 -16.57
N LEU A 119 -7.35 -7.20 -15.65
CA LEU A 119 -7.33 -5.79 -16.03
C LEU A 119 -5.96 -5.26 -16.48
N TYR A 120 -4.90 -5.62 -15.78
CA TYR A 120 -3.55 -5.11 -16.10
C TYR A 120 -3.04 -5.39 -17.51
N PRO A 121 -3.28 -6.60 -18.03
CA PRO A 121 -2.87 -6.90 -19.41
C PRO A 121 -3.42 -5.88 -20.42
N THR A 122 -4.50 -5.19 -20.07
CA THR A 122 -5.19 -4.30 -21.02
C THR A 122 -4.90 -2.82 -20.82
N LEU A 123 -4.03 -2.48 -19.88
CA LEU A 123 -3.80 -1.08 -19.55
C LEU A 123 -2.82 -0.46 -20.53
N THR A 124 -3.07 0.79 -20.92
CA THR A 124 -2.14 1.53 -21.77
C THR A 124 -1.03 2.25 -20.99
N ASP A 125 0.05 2.57 -21.69
CA ASP A 125 1.08 3.48 -21.18
C ASP A 125 0.50 4.64 -20.36
N TYR A 126 -0.49 5.36 -20.90
CA TYR A 126 -1.04 6.50 -20.17
C TYR A 126 -1.84 6.11 -18.95
N ASP A 127 -2.61 5.03 -19.08
CA ASP A 127 -3.43 4.51 -18.00
C ASP A 127 -2.59 4.28 -16.75
N ILE A 128 -1.40 3.76 -16.96
CA ILE A 128 -0.51 3.46 -15.86
C ILE A 128 -0.04 4.74 -15.17
N ARG A 129 0.24 5.80 -15.93
CA ARG A 129 0.58 7.07 -15.30
C ARG A 129 -0.61 7.65 -14.51
N TYR A 130 -1.79 7.57 -15.11
CA TYR A 130 -3.01 8.07 -14.51
C TYR A 130 -3.26 7.41 -13.18
N TYR A 131 -3.31 6.08 -13.18
CA TYR A 131 -3.72 5.35 -11.98
C TYR A 131 -2.64 5.46 -10.88
N ILE A 132 -1.37 5.46 -11.25
CA ILE A 132 -0.30 5.65 -10.28
C ILE A 132 -0.37 7.04 -9.63
N TYR A 133 -0.58 8.06 -10.46
CA TYR A 133 -0.72 9.40 -9.93
C TYR A 133 -1.85 9.41 -8.90
N GLU A 134 -2.98 8.83 -9.27
CA GLU A 134 -4.16 8.84 -8.38
C GLU A 134 -3.80 8.15 -7.05
N LEU A 135 -3.09 7.03 -7.16
CA LEU A 135 -2.66 6.31 -5.97
C LEU A 135 -1.72 7.18 -5.11
N LEU A 136 -0.86 7.97 -5.76
CA LEU A 136 0.12 8.80 -5.06
C LEU A 136 -0.56 9.93 -4.31
N LYS A 137 -1.77 10.27 -4.75
CA LYS A 137 -2.50 11.35 -4.13
C LYS A 137 -3.09 10.85 -2.81
N ALA A 138 -3.50 9.59 -2.81
CA ALA A 138 -3.94 8.94 -1.58
C ALA A 138 -2.78 8.83 -0.59
N LEU A 139 -1.64 8.36 -1.08
CA LEU A 139 -0.47 8.15 -0.23
C LEU A 139 0.05 9.44 0.42
N ASP A 140 0.14 10.52 -0.35
CA ASP A 140 0.57 11.80 0.21
C ASP A 140 -0.41 12.36 1.19
N TYR A 141 -1.71 12.16 0.91
CA TYR A 141 -2.72 12.58 1.85
C TYR A 141 -2.53 11.88 3.18
N CYS A 142 -2.48 10.54 3.16
CA CYS A 142 -2.37 9.81 4.41
C CYS A 142 -1.08 10.16 5.15
N HIS A 143 0.05 10.14 4.45
CA HIS A 143 1.31 10.52 5.10
C HIS A 143 1.21 11.92 5.73
N SER A 144 0.51 12.85 5.07
CA SER A 144 0.41 14.22 5.57
C SER A 144 -0.49 14.28 6.81
N GLN A 145 -1.28 13.23 7.00
CA GLN A 145 -2.14 13.13 8.16
C GLN A 145 -1.53 12.21 9.23
N GLY A 146 -0.25 11.88 9.06
CA GLY A 146 0.49 11.06 9.99
C GLY A 146 0.23 9.55 9.91
N ILE A 147 -0.22 9.06 8.78
CA ILE A 147 -0.48 7.62 8.66
C ILE A 147 0.33 6.87 7.58
N MET A 148 0.78 5.65 7.91
CA MET A 148 1.35 4.66 6.99
C MET A 148 0.33 3.58 6.62
N HIS A 149 0.17 3.25 5.35
CA HIS A 149 -0.75 2.17 4.94
C HIS A 149 -0.23 0.73 5.17
N ARG A 150 1.03 0.51 4.79
CA ARG A 150 1.75 -0.76 5.00
C ARG A 150 1.28 -2.04 4.27
N ASP A 151 0.36 -1.93 3.30
CA ASP A 151 -0.09 -3.13 2.61
C ASP A 151 -0.43 -2.80 1.16
N VAL A 152 0.37 -1.92 0.57
CA VAL A 152 0.14 -1.48 -0.79
C VAL A 152 0.47 -2.65 -1.71
N LYS A 153 -0.47 -3.00 -2.56
CA LYS A 153 -0.30 -4.04 -3.57
C LYS A 153 -1.56 -3.99 -4.44
N PRO A 154 -1.54 -4.63 -5.62
CA PRO A 154 -2.66 -4.52 -6.56
C PRO A 154 -4.01 -4.94 -5.99
N HIS A 155 -4.08 -6.03 -5.23
CA HIS A 155 -5.36 -6.49 -4.68
C HIS A 155 -5.97 -5.47 -3.72
N ASN A 156 -5.17 -4.50 -3.28
CA ASN A 156 -5.66 -3.45 -2.37
C ASN A 156 -6.00 -2.12 -3.02
N VAL A 157 -5.88 -2.08 -4.35
CA VAL A 157 -6.25 -0.89 -5.08
C VAL A 157 -7.46 -1.25 -5.95
N MET A 158 -8.61 -0.67 -5.65
CA MET A 158 -9.80 -0.96 -6.46
C MET A 158 -9.96 0.01 -7.61
N ILE A 159 -10.17 -0.55 -8.80
CA ILE A 159 -10.26 0.23 -10.02
C ILE A 159 -11.55 -0.07 -10.81
N ASP A 160 -12.41 0.93 -10.93
CA ASP A 160 -13.56 0.85 -11.83
C ASP A 160 -13.15 1.53 -13.09
N HIS A 161 -12.69 0.74 -14.05
CA HIS A 161 -11.99 1.29 -15.19
C HIS A 161 -12.92 2.07 -16.11
N GLU A 162 -14.19 1.67 -16.13
CA GLU A 162 -15.19 2.40 -16.88
C GLU A 162 -15.26 3.86 -16.43
N LEU A 163 -15.30 4.11 -15.12
CA LEU A 163 -15.42 5.48 -14.60
C LEU A 163 -14.05 6.09 -14.29
N ARG A 164 -12.99 5.33 -14.55
CA ARG A 164 -11.60 5.71 -14.24
C ARG A 164 -11.49 6.27 -12.82
N LYS A 165 -12.04 5.50 -11.89
CA LYS A 165 -12.05 5.88 -10.48
C LYS A 165 -11.24 4.84 -9.71
N LEU A 166 -10.33 5.30 -8.86
CA LEU A 166 -9.50 4.40 -8.06
C LEU A 166 -9.76 4.63 -6.58
N ARG A 167 -9.72 3.55 -5.82
CA ARG A 167 -9.84 3.62 -4.36
C ARG A 167 -8.82 2.71 -3.72
N LEU A 168 -8.03 3.28 -2.82
CA LEU A 168 -7.14 2.50 -1.96
C LEU A 168 -7.92 1.87 -0.80
N ILE A 169 -7.93 0.55 -0.73
CA ILE A 169 -8.72 -0.13 0.29
C ILE A 169 -7.88 -0.95 1.28
N ASP A 170 -8.60 -1.71 2.10
CA ASP A 170 -8.05 -2.60 3.13
C ASP A 170 -7.01 -1.94 4.04
N TRP A 171 -7.52 -1.09 4.93
CA TRP A 171 -6.73 -0.35 5.89
C TRP A 171 -6.46 -1.15 7.16
N GLY A 172 -6.62 -2.47 7.09
CA GLY A 172 -6.46 -3.36 8.24
C GLY A 172 -5.04 -3.45 8.79
N LEU A 173 -4.04 -3.11 7.98
CA LEU A 173 -2.64 -3.11 8.43
C LEU A 173 -2.00 -1.72 8.61
N ALA A 174 -2.73 -0.64 8.36
CA ALA A 174 -2.17 0.72 8.50
C ALA A 174 -1.86 1.09 9.97
N GLU A 175 -0.98 2.09 10.16
CA GLU A 175 -0.57 2.62 11.48
C GLU A 175 -0.29 4.14 11.45
N PHE A 176 -0.30 4.77 12.63
CA PHE A 176 0.15 6.15 12.84
C PHE A 176 1.68 6.23 12.93
N TYR A 177 2.28 7.34 12.53
CA TYR A 177 3.74 7.51 12.64
C TYR A 177 4.24 8.46 13.75
N HIS A 178 5.20 7.99 14.54
CA HIS A 178 5.77 8.78 15.63
C HIS A 178 7.29 8.69 15.57
N PRO A 179 8.01 9.82 15.54
CA PRO A 179 9.47 9.79 15.37
C PRO A 179 10.15 8.84 16.35
N GLY A 180 11.00 7.97 15.84
CA GLY A 180 11.81 7.10 16.69
C GLY A 180 11.16 5.79 17.07
N LYS A 181 9.84 5.69 16.88
CA LYS A 181 9.10 4.51 17.29
C LYS A 181 9.53 3.24 16.54
N GLU A 182 9.44 2.10 17.21
CA GLU A 182 9.81 0.81 16.63
C GLU A 182 8.58 -0.01 16.23
N TYR A 183 8.49 -0.36 14.95
CA TYR A 183 7.30 -1.04 14.43
C TYR A 183 7.53 -2.53 14.15
N ASN A 184 6.42 -3.24 13.95
CA ASN A 184 6.41 -4.67 13.60
C ASN A 184 6.70 -4.91 12.11
N VAL A 185 7.64 -5.79 11.81
CA VAL A 185 8.07 -6.04 10.43
C VAL A 185 7.22 -7.07 9.67
N ARG A 186 6.33 -7.76 10.37
CA ARG A 186 5.48 -8.72 9.68
C ARG A 186 4.23 -8.05 9.11
N VAL A 187 4.47 -7.03 8.28
CA VAL A 187 3.41 -6.32 7.59
C VAL A 187 3.56 -6.57 6.09
N ALA A 188 2.46 -6.49 5.34
CA ALA A 188 2.48 -6.55 3.89
C ALA A 188 2.76 -7.94 3.28
N SER A 189 2.49 -8.06 1.98
CA SER A 189 2.68 -9.29 1.23
C SER A 189 4.14 -9.46 0.87
N ARG A 190 4.60 -10.71 0.86
CA ARG A 190 6.03 -11.00 0.71
C ARG A 190 6.63 -10.27 -0.47
N TYR A 191 5.89 -10.26 -1.57
CA TYR A 191 6.41 -9.74 -2.82
C TYR A 191 6.60 -8.22 -2.76
N PHE A 192 5.93 -7.56 -1.83
CA PHE A 192 5.96 -6.10 -1.76
C PHE A 192 6.72 -5.54 -0.56
N LYS A 193 7.38 -6.42 0.20
CA LYS A 193 8.16 -6.02 1.39
C LYS A 193 9.48 -5.32 1.04
N GLY A 194 9.69 -4.12 1.56
CA GLY A 194 10.98 -3.46 1.39
C GLY A 194 12.11 -4.06 2.22
N PRO A 195 13.36 -3.73 1.87
CA PRO A 195 14.58 -4.25 2.49
C PRO A 195 14.64 -4.00 4.00
N GLU A 196 14.08 -2.92 4.46
CA GLU A 196 14.03 -2.68 5.90
C GLU A 196 13.27 -3.80 6.60
N LEU A 197 12.14 -4.20 6.03
CA LEU A 197 11.34 -5.29 6.60
C LEU A 197 12.04 -6.64 6.46
N LEU A 198 12.99 -6.72 5.54
CA LEU A 198 13.68 -7.97 5.28
C LEU A 198 14.99 -8.14 6.06
N VAL A 199 15.51 -7.04 6.61
CA VAL A 199 16.72 -7.07 7.41
C VAL A 199 16.41 -6.65 8.85
N ASP A 200 15.13 -6.65 9.19
CA ASP A 200 14.68 -6.37 10.55
C ASP A 200 14.89 -4.93 11.06
N LEU A 201 14.95 -3.95 10.14
CA LEU A 201 15.04 -2.55 10.56
C LEU A 201 13.65 -1.99 10.92
N GLN A 202 13.43 -1.80 12.22
CA GLN A 202 12.09 -1.60 12.75
C GLN A 202 11.62 -0.16 12.82
N ASP A 203 12.57 0.77 12.83
CA ASP A 203 12.25 2.19 12.91
C ASP A 203 12.08 2.76 11.50
N TYR A 204 11.15 2.19 10.75
CA TYR A 204 10.85 2.69 9.42
C TYR A 204 9.80 3.79 9.46
N ASP A 205 9.53 4.43 8.32
CA ASP A 205 8.52 5.47 8.28
C ASP A 205 7.67 5.42 7.00
N TYR A 206 7.19 6.59 6.59
CA TYR A 206 6.35 6.71 5.40
C TYR A 206 6.94 6.05 4.14
N SER A 207 8.27 6.07 4.02
CA SER A 207 8.97 5.52 2.87
C SER A 207 8.80 4.01 2.64
N LEU A 208 8.33 3.28 3.65
CA LEU A 208 8.03 1.88 3.42
C LEU A 208 7.04 1.79 2.24
N ASP A 209 6.01 2.63 2.26
CA ASP A 209 4.94 2.57 1.26
C ASP A 209 5.46 2.83 -0.13
N MET A 210 6.56 3.59 -0.22
CA MET A 210 7.12 3.99 -1.49
C MET A 210 7.88 2.81 -2.11
N TRP A 211 8.48 1.98 -1.28
CA TRP A 211 9.10 0.76 -1.81
C TRP A 211 8.05 -0.16 -2.43
N SER A 212 7.00 -0.44 -1.68
CA SER A 212 5.88 -1.24 -2.17
C SER A 212 5.32 -0.70 -3.48
N LEU A 213 5.14 0.61 -3.54
CA LEU A 213 4.68 1.27 -4.75
C LEU A 213 5.60 0.98 -5.92
N GLY A 214 6.90 1.10 -5.67
CA GLY A 214 7.92 0.80 -6.66
C GLY A 214 7.84 -0.63 -7.20
N CYS A 215 7.59 -1.61 -6.33
CA CYS A 215 7.41 -3.00 -6.75
C CYS A 215 6.16 -3.18 -7.62
N MET A 216 5.10 -2.50 -7.24
CA MET A 216 3.85 -2.59 -7.96
C MET A 216 4.06 -2.04 -9.36
N PHE A 217 4.72 -0.90 -9.41
CA PHE A 217 5.02 -0.19 -10.66
C PHE A 217 5.90 -1.06 -11.59
N ALA A 218 6.92 -1.70 -11.04
CA ALA A 218 7.83 -2.52 -11.84
C ALA A 218 7.11 -3.73 -12.48
N GLY A 219 6.21 -4.35 -11.72
CA GLY A 219 5.42 -5.43 -12.24
C GLY A 219 4.58 -4.97 -13.42
N MET A 220 4.01 -3.78 -13.30
CA MET A 220 3.15 -3.23 -14.34
C MET A 220 3.93 -2.88 -15.61
N ILE A 221 5.03 -2.14 -15.49
CA ILE A 221 5.79 -1.78 -16.68
C ILE A 221 6.59 -2.94 -17.30
N PHE A 222 6.93 -3.95 -16.52
CA PHE A 222 7.64 -5.09 -17.11
C PHE A 222 6.76 -6.31 -17.40
N ARG A 223 5.47 -6.23 -17.05
CA ARG A 223 4.57 -7.37 -17.24
C ARG A 223 5.17 -8.64 -16.64
N LYS A 224 5.62 -8.54 -15.39
CA LYS A 224 6.15 -9.66 -14.64
C LYS A 224 5.66 -9.52 -13.21
N GLU A 225 4.53 -10.16 -12.92
CA GLU A 225 3.87 -10.04 -11.62
C GLU A 225 3.81 -11.39 -10.93
N PRO A 226 4.38 -11.48 -9.72
CA PRO A 226 5.05 -10.36 -9.04
C PRO A 226 6.45 -10.15 -9.58
N PHE A 227 6.99 -8.94 -9.44
CA PHE A 227 8.31 -8.63 -9.97
C PHE A 227 9.45 -9.34 -9.24
N PHE A 228 9.52 -9.21 -7.92
CA PHE A 228 10.47 -9.97 -7.10
C PHE A 228 9.71 -11.16 -6.51
N TYR A 229 9.97 -12.37 -6.99
CA TYR A 229 9.13 -13.53 -6.71
C TYR A 229 9.77 -14.58 -5.76
N GLY A 230 9.71 -14.31 -4.45
CA GLY A 230 10.35 -15.19 -3.49
C GLY A 230 9.41 -16.22 -2.89
N HIS A 231 9.91 -17.45 -2.68
CA HIS A 231 9.13 -18.51 -2.07
C HIS A 231 9.05 -18.35 -0.54
N ASP A 232 10.03 -17.67 0.04
CA ASP A 232 9.96 -17.34 1.46
C ASP A 232 10.68 -16.02 1.64
N ASN A 233 10.73 -15.52 2.87
CA ASN A 233 11.34 -14.21 3.14
C ASN A 233 12.80 -14.12 2.73
N HIS A 234 13.57 -15.15 3.07
CA HIS A 234 14.98 -15.21 2.70
C HIS A 234 15.13 -15.18 1.19
N ASP A 235 14.33 -15.97 0.51
CA ASP A 235 14.36 -16.01 -0.95
C ASP A 235 14.07 -14.63 -1.52
N GLN A 236 13.20 -13.88 -0.85
CA GLN A 236 12.79 -12.56 -1.29
C GLN A 236 13.97 -11.60 -1.34
N LEU A 237 14.77 -11.58 -0.28
CA LEU A 237 15.95 -10.71 -0.22
C LEU A 237 17.00 -11.11 -1.25
N VAL A 238 17.17 -12.40 -1.48
CA VAL A 238 18.05 -12.88 -2.53
C VAL A 238 17.59 -12.35 -3.89
N LYS A 239 16.29 -12.50 -4.16
CA LYS A 239 15.73 -12.05 -5.41
C LYS A 239 15.99 -10.57 -5.63
N ILE A 240 15.89 -9.77 -4.56
CA ILE A 240 16.15 -8.34 -4.67
C ILE A 240 17.63 -8.06 -4.93
N ALA A 241 18.51 -8.72 -4.18
CA ALA A 241 19.95 -8.47 -4.27
C ALA A 241 20.52 -8.80 -5.65
N LYS A 242 19.94 -9.80 -6.30
CA LYS A 242 20.32 -10.17 -7.68
C LYS A 242 19.99 -9.06 -8.67
N VAL A 243 19.19 -8.08 -8.25
CA VAL A 243 18.80 -6.97 -9.12
C VAL A 243 19.54 -5.67 -8.79
N LEU A 244 19.47 -5.24 -7.53
CA LEU A 244 20.11 -3.99 -7.12
C LEU A 244 21.62 -4.13 -6.89
N GLY A 245 22.11 -5.35 -6.72
CA GLY A 245 23.51 -5.57 -6.42
C GLY A 245 23.85 -5.52 -4.94
N THR A 246 24.93 -6.17 -4.55
CA THR A 246 25.28 -6.28 -3.13
C THR A 246 26.13 -5.13 -2.60
N ASP A 247 26.71 -4.33 -3.49
CA ASP A 247 27.51 -3.21 -3.01
C ASP A 247 26.62 -2.20 -2.28
N GLY A 248 25.50 -1.85 -2.90
CA GLY A 248 24.55 -0.96 -2.30
C GLY A 248 24.02 -1.51 -0.98
N LEU A 249 23.89 -2.84 -0.92
CA LEU A 249 23.37 -3.51 0.26
C LEU A 249 24.34 -3.32 1.42
N ASN A 250 25.62 -3.55 1.17
CA ASN A 250 26.65 -3.42 2.20
C ASN A 250 26.81 -2.00 2.71
N VAL A 251 26.81 -1.04 1.79
CA VAL A 251 26.76 0.37 2.17
C VAL A 251 25.59 0.66 3.10
N TYR A 252 24.40 0.18 2.72
CA TYR A 252 23.18 0.37 3.49
C TYR A 252 23.28 -0.22 4.87
N LEU A 253 23.81 -1.43 4.94
CA LEU A 253 23.96 -2.16 6.20
C LEU A 253 24.98 -1.51 7.11
N ASN A 254 26.00 -0.91 6.54
CA ASN A 254 27.00 -0.26 7.38
C ASN A 254 26.54 1.09 7.91
N LYS A 255 25.70 1.80 7.16
CA LYS A 255 25.22 3.10 7.60
C LYS A 255 24.25 3.03 8.78
N TYR A 256 23.34 2.05 8.75
CA TYR A 256 22.44 1.88 9.88
C TYR A 256 22.99 0.87 10.86
N ARG A 257 24.17 0.35 10.54
CA ARG A 257 24.88 -0.60 11.38
C ARG A 257 24.03 -1.83 11.66
N ILE A 258 23.60 -2.47 10.58
CA ILE A 258 22.87 -3.73 10.64
C ILE A 258 23.79 -4.84 10.19
N GLU A 259 23.59 -6.03 10.74
CA GLU A 259 24.37 -7.18 10.32
C GLU A 259 23.45 -8.37 10.11
N LEU A 260 23.49 -8.92 8.89
CA LEU A 260 22.70 -10.08 8.54
C LEU A 260 23.28 -11.34 9.18
N ASP A 261 22.40 -12.25 9.61
CA ASP A 261 22.83 -13.51 10.18
C ASP A 261 23.41 -14.43 9.10
N PRO A 262 24.26 -15.38 9.52
CA PRO A 262 25.08 -16.20 8.62
C PRO A 262 24.28 -16.86 7.51
N GLN A 263 23.11 -17.40 7.84
CA GLN A 263 22.29 -18.11 6.85
C GLN A 263 21.99 -17.21 5.67
N LEU A 264 21.34 -16.09 5.97
CA LEU A 264 20.94 -15.12 4.97
C LEU A 264 22.15 -14.57 4.22
N GLU A 265 23.15 -14.10 4.96
CA GLU A 265 24.35 -13.55 4.36
C GLU A 265 24.99 -14.51 3.35
N ALA A 266 25.14 -15.77 3.74
CA ALA A 266 25.77 -16.75 2.87
C ALA A 266 24.94 -16.92 1.60
N LEU A 267 23.62 -16.83 1.75
CA LEU A 267 22.70 -16.97 0.63
C LEU A 267 22.76 -15.77 -0.32
N VAL A 268 22.79 -14.57 0.26
CA VAL A 268 22.85 -13.35 -0.54
C VAL A 268 24.06 -13.35 -1.47
N GLY A 269 25.21 -13.76 -0.95
CA GLY A 269 26.41 -13.85 -1.76
C GLY A 269 26.87 -12.51 -2.28
N ARG A 270 27.35 -12.50 -3.52
CA ARG A 270 27.83 -11.28 -4.14
C ARG A 270 27.26 -11.15 -5.55
N HIS A 271 26.68 -9.98 -5.84
CA HIS A 271 26.07 -9.72 -7.15
C HIS A 271 26.26 -8.27 -7.57
N SER A 272 26.67 -8.07 -8.81
CA SER A 272 26.78 -6.73 -9.35
C SER A 272 25.39 -6.28 -9.79
N ARG A 273 25.13 -4.98 -9.77
CA ARG A 273 23.83 -4.45 -10.12
C ARG A 273 23.39 -4.88 -11.53
N LYS A 274 22.11 -5.16 -11.70
CA LYS A 274 21.52 -5.40 -13.02
C LYS A 274 20.76 -4.16 -13.53
N PRO A 275 21.22 -3.60 -14.65
CA PRO A 275 20.63 -2.35 -15.16
C PRO A 275 19.17 -2.54 -15.55
N TRP A 276 18.31 -1.60 -15.13
CA TRP A 276 16.88 -1.70 -15.39
C TRP A 276 16.51 -2.05 -16.81
N LEU A 277 17.32 -1.58 -17.76
CA LEU A 277 17.10 -1.84 -19.18
C LEU A 277 17.11 -3.31 -19.59
N LYS A 278 17.90 -4.11 -18.88
CA LYS A 278 18.00 -5.55 -19.13
C LYS A 278 16.66 -6.28 -18.91
N PHE A 279 15.71 -5.64 -18.24
CA PHE A 279 14.40 -6.27 -18.00
C PHE A 279 13.36 -6.07 -19.12
N MET A 280 13.71 -5.23 -20.10
CA MET A 280 12.84 -4.98 -21.24
C MET A 280 12.87 -6.14 -22.23
N ASN A 281 11.68 -6.53 -22.70
CA ASN A 281 11.52 -7.57 -23.72
C ASN A 281 10.33 -7.23 -24.64
N ALA A 282 10.05 -8.10 -25.61
CA ALA A 282 8.97 -7.86 -26.57
C ALA A 282 7.57 -7.77 -25.95
N ASP A 283 7.39 -8.43 -24.81
CA ASP A 283 6.10 -8.42 -24.14
C ASP A 283 5.78 -7.12 -23.40
N ASN A 284 6.79 -6.32 -23.09
CA ASN A 284 6.58 -5.14 -22.25
C ASN A 284 7.21 -3.88 -22.84
N GLN A 285 7.75 -4.03 -24.04
CA GLN A 285 8.46 -2.97 -24.72
C GLN A 285 7.63 -1.68 -24.89
N HIS A 286 6.29 -1.84 -24.98
CA HIS A 286 5.38 -0.70 -25.14
C HIS A 286 5.10 0.08 -23.83
N LEU A 287 5.65 -0.40 -22.72
CA LEU A 287 5.47 0.25 -21.43
C LEU A 287 6.74 0.91 -20.88
N VAL A 288 7.90 0.49 -21.35
CA VAL A 288 9.16 0.95 -20.76
C VAL A 288 9.74 2.21 -21.42
N SER A 289 9.84 3.29 -20.65
CA SER A 289 10.41 4.56 -21.13
C SER A 289 11.53 5.03 -20.18
N PRO A 290 12.37 5.99 -20.62
CA PRO A 290 13.49 6.41 -19.77
C PRO A 290 13.04 7.19 -18.52
N GLU A 291 11.93 7.92 -18.64
CA GLU A 291 11.32 8.63 -17.52
C GLU A 291 10.72 7.63 -16.52
N ALA A 292 10.11 6.57 -17.03
CA ALA A 292 9.55 5.57 -16.15
C ALA A 292 10.72 4.97 -15.38
N ILE A 293 11.84 4.73 -16.08
CA ILE A 293 13.06 4.18 -15.50
C ILE A 293 13.64 5.09 -14.43
N ASP A 294 13.67 6.38 -14.72
CA ASP A 294 14.22 7.35 -13.76
C ASP A 294 13.34 7.41 -12.52
N PHE A 295 12.03 7.38 -12.75
CA PHE A 295 11.09 7.36 -11.64
C PHE A 295 11.33 6.12 -10.78
N LEU A 296 11.18 4.96 -11.39
CA LEU A 296 11.38 3.68 -10.73
C LEU A 296 12.72 3.64 -9.96
N ASP A 297 13.78 4.12 -10.58
CA ASP A 297 15.13 4.05 -10.01
C ASP A 297 15.20 4.74 -8.67
N LYS A 298 14.55 5.89 -8.60
CA LYS A 298 14.47 6.71 -7.39
C LYS A 298 13.53 6.17 -6.33
N LEU A 299 12.72 5.18 -6.66
CA LEU A 299 11.81 4.58 -5.69
C LEU A 299 12.48 3.37 -5.03
N LEU A 300 12.99 2.46 -5.85
CA LEU A 300 13.68 1.25 -5.38
C LEU A 300 15.14 1.51 -4.95
N ARG A 301 15.31 2.13 -3.79
CA ARG A 301 16.64 2.37 -3.21
C ARG A 301 16.71 1.72 -1.84
N TYR A 302 17.79 0.99 -1.59
CA TYR A 302 17.96 0.32 -0.31
C TYR A 302 17.62 1.28 0.84
N ASP A 303 18.28 2.43 0.83
CA ASP A 303 18.21 3.40 1.91
C ASP A 303 16.88 4.14 1.89
N HIS A 304 15.99 3.77 2.77
CA HIS A 304 14.69 4.45 2.86
C HIS A 304 14.81 5.97 2.91
N GLN A 305 15.94 6.50 3.39
CA GLN A 305 16.13 7.94 3.46
C GLN A 305 16.46 8.63 2.12
N GLU A 306 16.87 7.83 1.13
CA GLU A 306 17.18 8.35 -0.19
C GLU A 306 15.94 8.37 -1.10
N ARG A 307 14.96 7.52 -0.78
CA ARG A 307 13.74 7.36 -1.59
C ARG A 307 12.92 8.64 -1.70
N LEU A 308 12.42 8.92 -2.88
CA LEU A 308 11.43 10.01 -3.07
C LEU A 308 10.27 9.96 -2.08
N THR A 309 9.82 11.12 -1.62
CA THR A 309 8.55 11.24 -0.90
C THR A 309 7.36 11.19 -1.88
N ALA A 310 6.17 10.90 -1.37
CA ALA A 310 4.92 10.96 -2.16
C ALA A 310 4.74 12.31 -2.85
N LEU A 311 5.10 13.37 -2.14
CA LEU A 311 4.98 14.72 -2.69
C LEU A 311 6.02 15.05 -3.78
N GLU A 312 7.29 14.68 -3.58
CA GLU A 312 8.32 14.87 -4.60
C GLU A 312 7.97 13.99 -5.78
N ALA A 313 7.46 12.78 -5.48
CA ALA A 313 7.11 11.83 -6.52
C ALA A 313 6.02 12.33 -7.46
N MET A 314 5.04 13.05 -6.92
CA MET A 314 3.97 13.61 -7.74
C MET A 314 4.45 14.74 -8.65
N THR A 315 5.58 15.36 -8.29
CA THR A 315 6.16 16.43 -9.10
C THR A 315 7.18 15.91 -10.11
N HIS A 316 7.46 14.61 -10.13
CA HIS A 316 8.33 14.04 -11.18
C HIS A 316 7.82 14.29 -12.60
N PRO A 317 8.74 14.55 -13.52
CA PRO A 317 8.30 14.78 -14.91
C PRO A 317 7.55 13.61 -15.54
N TYR A 318 7.75 12.37 -15.05
CA TYR A 318 6.95 11.24 -15.52
C TYR A 318 5.43 11.52 -15.53
N PHE A 319 4.96 12.29 -14.54
CA PHE A 319 3.54 12.64 -14.47
C PHE A 319 3.18 14.02 -15.08
N GLN A 320 4.10 14.65 -15.79
CA GLN A 320 3.86 16.02 -16.25
C GLN A 320 2.55 16.20 -17.05
N GLN A 321 2.17 15.20 -17.84
CA GLN A 321 0.91 15.31 -18.60
C GLN A 321 -0.35 15.10 -17.74
N VAL A 322 -0.24 14.25 -16.73
CA VAL A 322 -1.36 14.02 -15.83
C VAL A 322 -1.65 15.30 -15.06
N ARG A 323 -0.59 16.01 -14.66
CA ARG A 323 -0.75 17.26 -13.92
C ARG A 323 -1.39 18.31 -14.82
N ALA A 324 -0.91 18.43 -16.05
CA ALA A 324 -1.44 19.45 -16.94
C ALA A 324 -2.92 19.22 -17.24
N ALA A 325 -3.33 17.95 -17.32
CA ALA A 325 -4.75 17.64 -17.54
C ALA A 325 -5.60 18.02 -16.34
N GLU A 326 -5.00 18.03 -15.14
CA GLU A 326 -5.74 18.40 -13.94
C GLU A 326 -5.89 19.91 -13.83
N ASN A 327 -4.88 20.64 -14.25
CA ASN A 327 -4.94 22.10 -14.23
C ASN A 327 -5.79 22.64 -15.38
N SER A 328 -7.04 22.20 -15.44
CA SER A 328 -7.99 22.67 -16.44
C SER A 328 -9.41 22.13 -16.26
C1 CZ0 B . -13.32 -2.02 1.11
N1 CZ0 B . -11.14 -4.82 1.96
C2 CZ0 B . -12.43 -2.84 1.77
O2 CZ0 B . -10.72 -5.89 1.57
C3 CZ0 B . -12.04 -4.05 1.21
O3 CZ0 B . -10.76 -4.38 3.03
C4 CZ0 B . -13.82 -2.39 -0.13
C5 CZ0 B . -13.42 -3.58 -0.70
C6 CZ0 B . -12.52 -4.44 -0.04
C7 CZ0 B . -12.15 -5.64 -0.65
C8 CZ0 B . -13.92 -3.93 -1.95
C9 CZ0 B . -13.54 -5.13 -2.55
C10 CZ0 B . -12.65 -5.99 -1.91
O11 CZ0 B . -12.29 -7.17 -2.52
C12 CZ0 B . -12.78 -7.54 -3.74
C13 CZ0 B . -13.68 -6.71 -4.44
C14 CZ0 B . -14.08 -5.51 -3.88
O15 CZ0 B . -11.93 -2.49 2.98
O16 CZ0 B . -12.41 -8.62 -4.26
C17 CZ0 B . -15.04 -4.60 -4.58
#